data_7DI3
#
_entry.id   7DI3
#
_cell.length_a   91.688
_cell.length_b   52.444
_cell.length_c   87.952
_cell.angle_alpha   90.000
_cell.angle_beta   110.820
_cell.angle_gamma   90.000
#
_symmetry.space_group_name_H-M   'C 1 2 1'
#
loop_
_entity.id
_entity.type
_entity.pdbx_description
1 polymer 'Cytochrome P450 hydroxylase'
2 non-polymer 'PROTOPORPHYRIN IX CONTAINING FE'
3 water water
#
_entity_poly.entity_id   1
_entity_poly.type   'polypeptide(L)'
_entity_poly.pdbx_seq_one_letter_code
;MTEAVAFPQNRSCPYHPPTAYEPLREERPLSRVTLWNGRQVWFVTGHQAARALLGDQRLSTDSTREDFPLPTERSESLRR
QRRGALLGWDDPEHNEQRRMLIPSFTLRRAESMRPRIQAIVDRLLDDMIAAGPSAELVGAFALPVPSMVICELLGVPYGD
HEFFEEQSRRLLRGPAAEDIEKAFRSLEGYFGELIETKRTDPGEGVIDDLVARQREEGRPDDDELVQFATVLLVAGHETT
ANMISLATYTLLEHPARLAELRADPGLVPAAVEELLRFLSIADGLVRVAREDVPVGDQVIRAGEGVVFPTSLINRDDSVY
EHPDTLDWSRSARHHVAFGFGIHQCLGQNLARIELEIALGTLLRRLPGLRLAAPADRIPFKPGDTIQGMLELPVTW
;
_entity_poly.pdbx_strand_id   A
#
loop_
_chem_comp.id
_chem_comp.type
_chem_comp.name
_chem_comp.formula
HEM non-polymer 'PROTOPORPHYRIN IX CONTAINING FE' 'C34 H32 Fe N4 O4'
#
# COMPACT_ATOMS: atom_id res chain seq x y z
N ALA A 4 -9.87 27.26 7.64
CA ALA A 4 -9.21 26.82 6.35
C ALA A 4 -8.00 25.93 6.67
N VAL A 5 -8.04 24.67 6.22
CA VAL A 5 -6.96 23.69 6.57
C VAL A 5 -6.17 23.35 5.31
N ALA A 6 -4.88 23.52 5.39
CA ALA A 6 -3.95 23.17 4.32
C ALA A 6 -3.91 21.64 4.17
N PHE A 7 -3.90 21.14 2.96
CA PHE A 7 -3.65 19.70 2.67
C PHE A 7 -2.55 19.63 1.63
N PRO A 8 -1.62 18.63 1.67
CA PRO A 8 -1.51 17.67 2.78
C PRO A 8 -0.64 18.17 3.93
N GLN A 9 -0.82 17.61 5.12
CA GLN A 9 0.03 17.93 6.29
C GLN A 9 0.74 16.68 6.76
N ASN A 10 1.90 16.90 7.33
CA ASN A 10 2.66 15.82 8.00
C ASN A 10 1.91 15.34 9.24
N ARG A 11 2.02 14.04 9.52
CA ARG A 11 1.60 13.49 10.81
C ARG A 11 2.56 14.03 11.90
N SER A 12 2.04 14.23 13.09
CA SER A 12 2.80 14.55 14.33
C SER A 12 3.27 13.24 14.96
N CYS A 13 2.38 12.27 14.90
CA CYS A 13 2.55 10.92 15.49
C CYS A 13 2.39 9.96 14.32
N PRO A 14 3.35 9.06 14.07
CA PRO A 14 3.30 8.16 12.91
C PRO A 14 1.95 7.43 12.74
N TYR A 15 1.26 7.12 13.86
CA TYR A 15 0.05 6.26 13.83
C TYR A 15 -1.23 7.04 14.12
N HIS A 16 -1.22 8.38 14.02
CA HIS A 16 -2.46 9.18 14.06
C HIS A 16 -2.51 10.11 12.86
N PRO A 17 -3.71 10.44 12.39
CA PRO A 17 -3.84 11.38 11.29
C PRO A 17 -3.34 12.75 11.73
N PRO A 18 -2.96 13.60 10.74
CA PRO A 18 -2.48 14.95 11.08
C PRO A 18 -3.44 15.70 11.99
N THR A 19 -2.94 16.37 13.04
CA THR A 19 -3.71 17.07 14.09
C THR A 19 -4.65 18.14 13.50
N ALA A 20 -4.19 18.82 12.45
CA ALA A 20 -4.92 19.95 11.84
C ALA A 20 -6.25 19.49 11.20
N TYR A 21 -6.39 18.19 10.84
CA TYR A 21 -7.65 17.70 10.20
C TYR A 21 -8.74 17.46 11.25
N GLU A 22 -8.43 17.43 12.55
CA GLU A 22 -9.38 16.94 13.58
C GLU A 22 -10.71 17.71 13.52
N PRO A 23 -10.71 19.07 13.39
CA PRO A 23 -11.97 19.81 13.28
C PRO A 23 -12.83 19.46 12.07
N LEU A 24 -12.25 18.92 11.01
CA LEU A 24 -13.02 18.58 9.79
C LEU A 24 -13.77 17.27 9.99
N ARG A 25 -13.42 16.46 11.00
CA ARG A 25 -13.97 15.09 11.12
C ARG A 25 -15.47 15.15 11.38
N GLU A 26 -15.93 16.14 12.15
CA GLU A 26 -17.37 16.41 12.45
C GLU A 26 -18.15 16.87 11.21
N GLU A 27 -17.49 17.45 10.22
CA GLU A 27 -18.21 18.02 9.05
C GLU A 27 -18.41 16.91 8.02
N ARG A 28 -19.49 16.13 8.12
CA ARG A 28 -19.70 14.89 7.32
C ARG A 28 -20.95 15.10 6.48
N PRO A 29 -21.07 14.49 5.29
CA PRO A 29 -20.03 13.61 4.71
C PRO A 29 -18.86 14.31 4.02
N LEU A 30 -19.00 15.63 3.78
CA LEU A 30 -18.03 16.43 2.99
C LEU A 30 -17.58 17.68 3.78
N SER A 31 -16.28 17.86 3.75
CA SER A 31 -15.57 19.08 4.23
C SER A 31 -14.74 19.61 3.06
N ARG A 32 -13.82 20.49 3.36
CA ARG A 32 -12.97 21.17 2.36
C ARG A 32 -11.58 21.32 2.91
N VAL A 33 -10.60 21.28 2.03
CA VAL A 33 -9.20 21.66 2.37
C VAL A 33 -8.64 22.51 1.24
N THR A 34 -7.54 23.15 1.55
CA THR A 34 -6.85 24.09 0.64
C THR A 34 -5.50 23.51 0.25
N LEU A 35 -5.23 23.45 -1.06
CA LEU A 35 -3.94 22.99 -1.59
C LEU A 35 -2.92 24.13 -1.60
N TRP A 36 -1.71 23.79 -2.00
CA TRP A 36 -0.50 24.63 -1.85
C TRP A 36 -0.69 25.97 -2.57
N ASN A 37 -1.44 25.95 -3.67
CA ASN A 37 -1.69 27.15 -4.53
C ASN A 37 -3.00 27.85 -4.21
N GLY A 38 -3.68 27.50 -3.13
CA GLY A 38 -4.95 28.11 -2.70
C GLY A 38 -6.19 27.44 -3.27
N ARG A 39 -6.05 26.48 -4.15
CA ARG A 39 -7.23 25.77 -4.71
C ARG A 39 -7.93 25.02 -3.58
N GLN A 40 -9.23 25.25 -3.39
CA GLN A 40 -10.09 24.49 -2.45
C GLN A 40 -10.51 23.20 -3.13
N VAL A 41 -10.47 22.10 -2.37
CA VAL A 41 -10.95 20.81 -2.92
C VAL A 41 -11.87 20.20 -1.86
N TRP A 42 -12.76 19.32 -2.27
CA TRP A 42 -13.63 18.57 -1.36
C TRP A 42 -12.76 17.58 -0.57
N PHE A 43 -13.15 17.31 0.66
CA PHE A 43 -12.43 16.41 1.58
C PHE A 43 -13.45 15.45 2.17
N VAL A 44 -13.41 14.20 1.74
CA VAL A 44 -14.53 13.26 2.00
C VAL A 44 -14.27 12.65 3.38
N THR A 45 -15.08 12.98 4.37
CA THR A 45 -14.88 12.58 5.79
C THR A 45 -15.85 11.45 6.16
N GLY A 46 -16.86 11.18 5.35
CA GLY A 46 -17.91 10.18 5.64
C GLY A 46 -17.65 8.87 4.96
N HIS A 47 -17.68 7.78 5.74
CA HIS A 47 -17.34 6.42 5.25
C HIS A 47 -18.33 5.99 4.16
N GLN A 48 -19.63 6.17 4.41
CA GLN A 48 -20.70 5.75 3.49
C GLN A 48 -20.54 6.56 2.20
N ALA A 49 -20.31 7.86 2.34
CA ALA A 49 -20.11 8.73 1.15
C ALA A 49 -18.84 8.32 0.41
N ALA A 50 -17.76 7.99 1.10
CA ALA A 50 -16.47 7.65 0.44
C ALA A 50 -16.69 6.39 -0.38
N ARG A 51 -17.36 5.38 0.19
CA ARG A 51 -17.60 4.13 -0.55
C ARG A 51 -18.44 4.39 -1.82
N ALA A 52 -19.47 5.25 -1.75
CA ALA A 52 -20.35 5.53 -2.92
C ALA A 52 -19.51 6.26 -3.98
N LEU A 53 -18.80 7.30 -3.58
CA LEU A 53 -17.97 8.11 -4.51
C LEU A 53 -16.86 7.32 -5.20
N LEU A 54 -16.23 6.37 -4.51
CA LEU A 54 -15.06 5.64 -5.07
C LEU A 54 -15.56 4.61 -6.08
N GLY A 55 -16.88 4.39 -6.15
CA GLY A 55 -17.51 3.56 -7.18
C GLY A 55 -18.01 4.34 -8.40
N ASP A 56 -17.91 5.67 -8.39
CA ASP A 56 -18.55 6.57 -9.38
C ASP A 56 -17.59 6.88 -10.52
N GLN A 57 -17.94 6.44 -11.72
CA GLN A 57 -17.13 6.62 -12.95
C GLN A 57 -17.01 8.10 -13.36
N ARG A 58 -17.80 8.99 -12.75
CA ARG A 58 -17.69 10.45 -12.98
C ARG A 58 -16.49 11.07 -12.26
N LEU A 59 -15.83 10.36 -11.33
CA LEU A 59 -14.54 10.84 -10.80
C LEU A 59 -13.40 10.21 -11.60
N SER A 60 -12.35 10.98 -11.81
CA SER A 60 -11.19 10.60 -12.64
C SER A 60 -9.91 10.57 -11.82
N THR A 61 -8.98 9.71 -12.23
CA THR A 61 -7.60 9.65 -11.69
C THR A 61 -6.59 10.13 -12.74
N ASP A 62 -7.09 10.73 -13.83
CA ASP A 62 -6.26 11.14 -14.99
C ASP A 62 -5.53 12.43 -14.67
N SER A 63 -4.29 12.30 -14.22
CA SER A 63 -3.43 13.42 -13.80
C SER A 63 -2.98 14.20 -15.05
N THR A 64 -3.31 13.77 -16.27
CA THR A 64 -2.97 14.56 -17.49
C THR A 64 -4.02 15.65 -17.74
N ARG A 65 -5.20 15.60 -17.10
CA ARG A 65 -6.24 16.65 -17.25
C ARG A 65 -5.72 17.98 -16.71
N GLU A 66 -6.02 19.08 -17.43
CA GLU A 66 -5.64 20.44 -16.99
C GLU A 66 -6.29 20.74 -15.64
N ASP A 67 -7.46 20.18 -15.36
CA ASP A 67 -8.15 20.47 -14.07
C ASP A 67 -7.72 19.54 -12.91
N PHE A 68 -6.82 18.58 -13.09
CA PHE A 68 -6.46 17.65 -11.98
C PHE A 68 -5.72 18.40 -10.87
N PRO A 69 -6.11 18.19 -9.60
CA PRO A 69 -5.50 18.94 -8.51
C PRO A 69 -4.05 18.49 -8.31
N LEU A 70 -3.14 19.45 -8.24
CA LEU A 70 -1.72 19.22 -7.85
C LEU A 70 -1.67 19.38 -6.34
N PRO A 71 -1.55 18.30 -5.51
CA PRO A 71 -1.30 18.47 -4.08
C PRO A 71 0.13 19.00 -3.86
N THR A 72 1.02 18.82 -4.85
CA THR A 72 2.34 19.51 -4.96
C THR A 72 2.45 20.13 -6.36
N ALA A 85 -0.42 0.62 -16.48
CA ALA A 85 -0.44 1.88 -15.70
C ALA A 85 -1.61 1.88 -14.70
N LEU A 86 -2.76 1.33 -15.10
CA LEU A 86 -4.00 1.18 -14.28
C LEU A 86 -4.45 2.54 -13.78
N LEU A 87 -3.69 3.12 -12.84
CA LEU A 87 -3.97 4.44 -12.22
C LEU A 87 -3.75 5.52 -13.29
N GLY A 88 -4.62 6.52 -13.27
CA GLY A 88 -4.63 7.60 -14.27
C GLY A 88 -5.65 7.24 -15.32
N TRP A 89 -5.77 5.96 -15.55
CA TRP A 89 -6.70 5.49 -16.60
C TRP A 89 -8.17 5.54 -16.21
N ASP A 90 -8.98 6.18 -17.03
CA ASP A 90 -10.45 6.07 -16.82
C ASP A 90 -10.92 4.92 -17.71
N ASP A 91 -12.13 4.40 -17.46
CA ASP A 91 -12.71 3.28 -18.27
C ASP A 91 -13.08 3.78 -19.67
N PRO A 92 -13.11 2.93 -20.72
CA PRO A 92 -12.99 1.47 -20.59
C PRO A 92 -11.56 0.92 -20.60
N GLU A 93 -10.57 1.75 -20.92
CA GLU A 93 -9.15 1.30 -20.95
C GLU A 93 -8.82 0.64 -19.60
N HIS A 94 -8.93 1.42 -18.52
CA HIS A 94 -8.70 0.95 -17.14
C HIS A 94 -9.35 -0.43 -16.90
N ASN A 95 -10.62 -0.57 -17.29
CA ASN A 95 -11.35 -1.82 -17.03
C ASN A 95 -10.67 -2.97 -17.76
N GLU A 96 -10.20 -2.72 -18.98
CA GLU A 96 -9.54 -3.79 -19.77
C GLU A 96 -8.25 -4.22 -19.09
N GLN A 97 -7.44 -3.26 -18.64
CA GLN A 97 -6.20 -3.58 -17.88
C GLN A 97 -6.54 -4.41 -16.64
N ARG A 98 -7.48 -3.97 -15.81
CA ARG A 98 -7.83 -4.75 -14.58
C ARG A 98 -8.26 -6.17 -14.94
N ARG A 99 -9.19 -6.34 -15.87
CA ARG A 99 -9.68 -7.66 -16.35
C ARG A 99 -8.47 -8.60 -16.54
N MET A 100 -7.42 -8.12 -17.18
CA MET A 100 -6.26 -9.00 -17.54
C MET A 100 -5.50 -9.43 -16.29
N LEU A 101 -5.51 -8.61 -15.23
CA LEU A 101 -4.65 -8.87 -14.03
C LEU A 101 -5.40 -9.56 -12.90
N ILE A 102 -6.72 -9.34 -12.76
CA ILE A 102 -7.57 -9.83 -11.64
C ILE A 102 -7.29 -11.31 -11.36
N PRO A 103 -7.22 -12.20 -12.38
CA PRO A 103 -7.07 -13.63 -12.11
C PRO A 103 -5.78 -14.05 -11.39
N SER A 104 -4.74 -13.22 -11.52
CA SER A 104 -3.44 -13.42 -10.83
C SER A 104 -3.54 -13.06 -9.34
N PHE A 105 -4.63 -12.43 -8.89
CA PHE A 105 -4.75 -11.78 -7.57
C PHE A 105 -5.96 -12.26 -6.78
N THR A 106 -6.45 -13.45 -7.11
CA THR A 106 -7.56 -14.05 -6.34
C THR A 106 -7.09 -14.43 -4.93
N LEU A 107 -8.06 -14.59 -4.04
CA LEU A 107 -7.82 -15.10 -2.68
C LEU A 107 -7.09 -16.45 -2.78
N ARG A 108 -7.56 -17.40 -3.58
CA ARG A 108 -6.93 -18.73 -3.79
C ARG A 108 -5.45 -18.58 -4.19
N ARG A 109 -5.13 -17.70 -5.13
CA ARG A 109 -3.73 -17.43 -5.57
C ARG A 109 -2.91 -16.88 -4.39
N ALA A 110 -3.49 -16.04 -3.54
CA ALA A 110 -2.78 -15.50 -2.36
C ALA A 110 -2.50 -16.64 -1.39
N GLU A 111 -3.51 -17.48 -1.12
CA GLU A 111 -3.40 -18.56 -0.12
C GLU A 111 -2.34 -19.54 -0.59
N SER A 112 -2.28 -19.81 -1.89
CA SER A 112 -1.29 -20.73 -2.51
C SER A 112 0.13 -20.22 -2.22
N MET A 113 0.32 -18.90 -2.04
CA MET A 113 1.65 -18.30 -1.86
C MET A 113 2.16 -18.45 -0.42
N ARG A 114 1.35 -18.88 0.55
CA ARG A 114 1.72 -18.87 1.99
C ARG A 114 3.11 -19.46 2.20
N PRO A 115 3.40 -20.69 1.75
CA PRO A 115 4.66 -21.35 2.09
C PRO A 115 5.87 -20.60 1.52
N ARG A 116 5.73 -20.00 0.33
CA ARG A 116 6.80 -19.17 -0.29
C ARG A 116 7.02 -17.90 0.55
N ILE A 117 5.94 -17.25 0.96
CA ILE A 117 6.02 -16.03 1.83
C ILE A 117 6.69 -16.45 3.15
N GLN A 118 6.27 -17.54 3.74
CA GLN A 118 6.83 -18.00 5.06
C GLN A 118 8.34 -18.20 4.91
N ALA A 119 8.81 -18.80 3.81
CA ALA A 119 10.23 -19.10 3.57
C ALA A 119 11.02 -17.80 3.43
N ILE A 120 10.44 -16.81 2.76
CA ILE A 120 11.11 -15.50 2.53
C ILE A 120 11.31 -14.85 3.90
N VAL A 121 10.23 -14.79 4.66
CA VAL A 121 10.20 -14.16 6.02
C VAL A 121 11.21 -14.88 6.93
N ASP A 122 11.20 -16.20 6.90
CA ASP A 122 12.08 -17.00 7.79
C ASP A 122 13.53 -16.70 7.44
N ARG A 123 13.88 -16.62 6.15
CA ARG A 123 15.27 -16.44 5.70
C ARG A 123 15.75 -15.06 6.13
N LEU A 124 14.90 -14.03 5.96
CA LEU A 124 15.32 -12.67 6.35
C LEU A 124 15.49 -12.57 7.86
N LEU A 125 14.62 -13.20 8.65
CA LEU A 125 14.79 -13.20 10.12
C LEU A 125 16.02 -14.03 10.53
N ASP A 126 16.28 -15.16 9.89
CA ASP A 126 17.49 -15.97 10.21
C ASP A 126 18.73 -15.09 10.02
N ASP A 127 18.80 -14.39 8.90
CA ASP A 127 19.96 -13.55 8.54
C ASP A 127 20.08 -12.41 9.57
N MET A 128 18.96 -11.76 9.95
CA MET A 128 18.96 -10.61 10.88
C MET A 128 19.42 -11.07 12.27
N ILE A 129 18.89 -12.18 12.74
CA ILE A 129 19.26 -12.75 14.04
C ILE A 129 20.75 -13.16 14.02
N ALA A 130 21.25 -13.75 12.93
CA ALA A 130 22.65 -14.23 12.87
C ALA A 130 23.61 -13.03 12.90
N ALA A 131 23.22 -11.90 12.31
CA ALA A 131 24.13 -10.78 12.01
C ALA A 131 24.48 -10.05 13.28
N GLY A 132 23.59 -10.11 14.26
CA GLY A 132 23.87 -9.31 15.47
C GLY A 132 22.63 -9.22 16.34
N PRO A 133 22.76 -8.57 17.52
CA PRO A 133 21.70 -8.56 18.52
C PRO A 133 20.73 -7.40 18.30
N SER A 134 20.99 -6.60 17.28
CA SER A 134 20.13 -5.43 16.94
C SER A 134 20.04 -5.29 15.42
N ALA A 135 19.08 -4.49 14.95
CA ALA A 135 18.86 -4.38 13.49
C ALA A 135 18.15 -3.05 13.19
N GLU A 136 18.30 -2.61 11.96
CA GLU A 136 17.50 -1.54 11.35
C GLU A 136 16.40 -2.29 10.57
N LEU A 137 15.20 -2.38 11.14
CA LEU A 137 14.21 -3.37 10.72
C LEU A 137 13.72 -3.00 9.31
N VAL A 138 13.70 -1.73 8.94
CA VAL A 138 13.20 -1.39 7.57
C VAL A 138 14.12 -2.02 6.53
N GLY A 139 15.40 -1.70 6.57
CA GLY A 139 16.38 -2.26 5.61
C GLY A 139 16.53 -3.77 5.73
N ALA A 140 16.40 -4.33 6.93
CA ALA A 140 16.71 -5.77 7.16
C ALA A 140 15.51 -6.65 6.89
N PHE A 141 14.29 -6.10 6.90
CA PHE A 141 13.10 -6.96 6.89
C PHE A 141 11.92 -6.30 6.14
N ALA A 142 11.47 -5.13 6.58
CA ALA A 142 10.22 -4.54 6.03
C ALA A 142 10.36 -4.28 4.53
N LEU A 143 11.52 -3.78 4.08
CA LEU A 143 11.74 -3.44 2.66
C LEU A 143 11.92 -4.72 1.85
N PRO A 144 12.79 -5.69 2.21
CA PRO A 144 12.96 -6.85 1.35
C PRO A 144 11.80 -7.86 1.31
N VAL A 145 11.04 -8.06 2.38
CA VAL A 145 9.94 -9.08 2.35
C VAL A 145 9.08 -8.82 1.09
N PRO A 146 8.50 -7.63 0.87
CA PRO A 146 7.53 -7.48 -0.21
C PRO A 146 8.17 -7.52 -1.60
N SER A 147 9.39 -7.06 -1.77
CA SER A 147 10.02 -7.12 -3.10
C SER A 147 10.34 -8.59 -3.41
N MET A 148 10.72 -9.39 -2.40
CA MET A 148 10.95 -10.85 -2.60
C MET A 148 9.63 -11.56 -2.87
N VAL A 149 8.52 -11.16 -2.22
CA VAL A 149 7.19 -11.76 -2.55
C VAL A 149 6.79 -11.40 -4.00
N ILE A 150 6.97 -10.15 -4.42
CA ILE A 150 6.62 -9.69 -5.81
C ILE A 150 7.47 -10.47 -6.82
N CYS A 151 8.73 -10.71 -6.46
CA CYS A 151 9.66 -11.59 -7.21
C CYS A 151 9.02 -12.94 -7.50
N GLU A 152 8.56 -13.63 -6.47
CA GLU A 152 7.83 -14.92 -6.57
C GLU A 152 6.52 -14.73 -7.34
N LEU A 153 5.71 -13.72 -6.98
CA LEU A 153 4.44 -13.43 -7.69
C LEU A 153 4.63 -13.36 -9.22
N LEU A 154 5.60 -12.56 -9.71
CA LEU A 154 5.85 -12.30 -11.15
C LEU A 154 6.44 -13.54 -11.81
N GLY A 155 7.07 -14.40 -11.02
CA GLY A 155 7.73 -15.64 -11.50
C GLY A 155 9.13 -15.34 -11.97
N VAL A 156 9.81 -14.39 -11.32
CA VAL A 156 11.23 -14.12 -11.65
C VAL A 156 12.00 -15.37 -11.26
N PRO A 157 12.87 -15.90 -12.15
CA PRO A 157 13.63 -17.10 -11.83
C PRO A 157 14.61 -16.89 -10.65
N TYR A 158 14.83 -17.94 -9.87
CA TYR A 158 15.66 -17.95 -8.64
C TYR A 158 16.97 -17.19 -8.86
N GLY A 159 17.70 -17.50 -9.93
CA GLY A 159 19.03 -16.92 -10.22
C GLY A 159 19.00 -15.39 -10.37
N ASP A 160 17.83 -14.80 -10.61
CA ASP A 160 17.68 -13.33 -10.79
C ASP A 160 17.15 -12.67 -9.51
N HIS A 161 16.85 -13.44 -8.47
CA HIS A 161 16.21 -12.94 -7.21
C HIS A 161 17.07 -11.83 -6.62
N GLU A 162 18.38 -12.01 -6.55
CA GLU A 162 19.26 -11.03 -5.88
C GLU A 162 19.21 -9.72 -6.70
N PHE A 163 19.38 -9.81 -8.02
CA PHE A 163 19.30 -8.70 -8.99
C PHE A 163 18.00 -7.89 -8.75
N PHE A 164 16.88 -8.59 -8.70
CA PHE A 164 15.54 -7.98 -8.58
C PHE A 164 15.43 -7.24 -7.23
N GLU A 165 15.79 -7.93 -6.12
CA GLU A 165 15.79 -7.30 -4.78
C GLU A 165 16.64 -6.02 -4.80
N GLU A 166 17.85 -6.08 -5.38
CA GLU A 166 18.81 -4.96 -5.43
C GLU A 166 18.21 -3.78 -6.22
N GLN A 167 17.66 -4.08 -7.40
CA GLN A 167 17.10 -2.99 -8.23
C GLN A 167 15.83 -2.43 -7.57
N SER A 168 14.95 -3.25 -7.00
CA SER A 168 13.72 -2.77 -6.33
C SER A 168 14.12 -1.89 -5.14
N ARG A 169 15.18 -2.23 -4.42
CA ARG A 169 15.58 -1.42 -3.24
C ARG A 169 16.05 -0.06 -3.73
N ARG A 170 16.81 -0.06 -4.82
CA ARG A 170 17.41 1.18 -5.36
C ARG A 170 16.29 2.14 -5.80
N LEU A 171 15.24 1.57 -6.37
CA LEU A 171 14.06 2.33 -6.84
C LEU A 171 13.42 3.08 -5.65
N LEU A 172 13.43 2.53 -4.42
CA LEU A 172 12.93 3.25 -3.21
C LEU A 172 13.97 4.08 -2.49
N ARG A 173 15.18 3.58 -2.31
CA ARG A 173 16.19 4.17 -1.39
C ARG A 173 17.05 5.15 -2.18
N GLY A 174 17.11 5.04 -3.51
CA GLY A 174 17.94 6.00 -4.28
C GLY A 174 19.41 5.83 -3.95
N PRO A 175 20.15 6.88 -3.46
CA PRO A 175 19.58 8.15 -2.99
C PRO A 175 19.27 9.21 -4.05
N ALA A 176 20.13 9.38 -5.06
CA ALA A 176 19.93 10.41 -6.12
C ALA A 176 18.78 9.97 -7.02
N ALA A 177 18.09 10.95 -7.62
CA ALA A 177 17.08 10.76 -8.69
C ALA A 177 17.69 9.93 -9.84
N GLU A 178 19.00 10.03 -10.07
CA GLU A 178 19.74 9.28 -11.12
C GLU A 178 19.71 7.78 -10.79
N ASP A 179 19.84 7.41 -9.51
CA ASP A 179 19.84 5.98 -9.07
C ASP A 179 18.45 5.40 -9.31
N ILE A 180 17.41 6.15 -8.93
CA ILE A 180 15.98 5.78 -9.08
C ILE A 180 15.70 5.54 -10.58
N GLU A 181 16.16 6.44 -11.45
CA GLU A 181 15.96 6.33 -12.92
C GLU A 181 16.72 5.11 -13.46
N LYS A 182 17.98 4.92 -13.09
CA LYS A 182 18.80 3.80 -13.61
C LYS A 182 18.15 2.47 -13.18
N ALA A 183 17.59 2.43 -11.98
CA ALA A 183 16.93 1.22 -11.44
C ALA A 183 15.66 0.92 -12.25
N PHE A 184 14.86 1.94 -12.50
CA PHE A 184 13.65 1.86 -13.36
C PHE A 184 14.04 1.27 -14.74
N ARG A 185 15.03 1.87 -15.39
CA ARG A 185 15.51 1.41 -16.73
C ARG A 185 16.03 -0.03 -16.67
N SER A 186 16.80 -0.36 -15.65
CA SER A 186 17.37 -1.71 -15.42
C SER A 186 16.23 -2.73 -15.31
N LEU A 187 15.19 -2.39 -14.55
CA LEU A 187 14.05 -3.31 -14.33
C LEU A 187 13.22 -3.44 -15.61
N GLU A 188 12.92 -2.34 -16.29
CA GLU A 188 12.19 -2.36 -17.58
C GLU A 188 12.94 -3.22 -18.60
N GLY A 189 14.25 -3.00 -18.75
CA GLY A 189 15.11 -3.83 -19.60
C GLY A 189 15.06 -5.29 -19.21
N TYR A 190 15.22 -5.60 -17.91
CA TYR A 190 15.14 -6.99 -17.40
C TYR A 190 13.77 -7.62 -17.72
N PHE A 191 12.66 -6.91 -17.53
CA PHE A 191 11.32 -7.49 -17.73
C PHE A 191 11.19 -7.84 -19.21
N GLY A 192 11.75 -7.02 -20.09
CA GLY A 192 11.73 -7.24 -21.56
C GLY A 192 12.38 -8.58 -21.90
N GLU A 193 13.59 -8.80 -21.36
CA GLU A 193 14.39 -10.04 -21.53
C GLU A 193 13.61 -11.24 -20.97
N LEU A 194 12.98 -11.07 -19.81
CA LEU A 194 12.38 -12.20 -19.09
C LEU A 194 11.15 -12.69 -19.87
N ILE A 195 10.38 -11.78 -20.46
CA ILE A 195 9.20 -12.13 -21.32
C ILE A 195 9.69 -13.08 -22.43
N GLU A 196 10.82 -12.79 -23.06
CA GLU A 196 11.43 -13.67 -24.11
C GLU A 196 11.77 -15.03 -23.48
N THR A 197 12.60 -15.02 -22.43
CA THR A 197 13.03 -16.20 -21.64
C THR A 197 11.83 -17.09 -21.33
N LYS A 198 10.70 -16.50 -20.89
CA LYS A 198 9.51 -17.27 -20.41
C LYS A 198 8.64 -17.75 -21.58
N ARG A 199 8.72 -17.09 -22.74
CA ARG A 199 7.97 -17.56 -23.93
C ARG A 199 8.48 -18.95 -24.29
N THR A 200 9.81 -19.06 -24.49
CA THR A 200 10.50 -20.30 -24.93
C THR A 200 10.84 -21.19 -23.73
N ASP A 201 10.44 -20.84 -22.51
CA ASP A 201 10.72 -21.62 -21.27
C ASP A 201 9.68 -21.27 -20.21
N PRO A 202 8.37 -21.47 -20.47
CA PRO A 202 7.32 -21.05 -19.53
C PRO A 202 7.47 -21.67 -18.12
N GLY A 203 7.24 -20.85 -17.08
CA GLY A 203 7.13 -21.26 -15.67
C GLY A 203 5.78 -20.88 -15.11
N GLU A 204 5.73 -20.40 -13.87
CA GLU A 204 4.47 -19.98 -13.20
C GLU A 204 4.62 -18.54 -12.72
N GLY A 205 3.52 -17.81 -12.62
CA GLY A 205 3.50 -16.42 -12.12
C GLY A 205 2.90 -15.46 -13.12
N VAL A 206 2.81 -14.19 -12.71
CA VAL A 206 2.00 -13.18 -13.43
C VAL A 206 2.53 -13.01 -14.85
N ILE A 207 3.85 -13.06 -15.04
CA ILE A 207 4.40 -12.84 -16.40
C ILE A 207 3.94 -14.01 -17.28
N ASP A 208 4.06 -15.25 -16.79
CA ASP A 208 3.58 -16.46 -17.51
C ASP A 208 2.08 -16.33 -17.81
N ASP A 209 1.25 -16.01 -16.80
CA ASP A 209 -0.22 -15.75 -16.92
C ASP A 209 -0.49 -14.78 -18.08
N LEU A 210 0.26 -13.66 -18.15
CA LEU A 210 0.04 -12.62 -19.18
C LEU A 210 0.62 -13.07 -20.53
N VAL A 211 1.65 -13.92 -20.57
CA VAL A 211 2.17 -14.50 -21.85
C VAL A 211 1.10 -15.42 -22.46
N ALA A 212 0.44 -16.24 -21.63
CA ALA A 212 -0.69 -17.15 -22.02
C ALA A 212 -1.86 -16.31 -22.56
N ARG A 213 -2.21 -15.23 -21.86
CA ARG A 213 -3.25 -14.25 -22.28
C ARG A 213 -2.89 -13.67 -23.66
N GLN A 214 -1.63 -13.30 -23.88
CA GLN A 214 -1.15 -12.70 -25.15
C GLN A 214 -1.26 -13.69 -26.32
N ARG A 215 -0.88 -14.95 -26.13
CA ARG A 215 -0.99 -16.01 -27.17
C ARG A 215 -2.47 -16.28 -27.45
N GLU A 216 -3.30 -16.38 -26.41
CA GLU A 216 -4.73 -16.81 -26.47
C GLU A 216 -5.63 -15.70 -27.02
N GLU A 217 -5.27 -14.44 -26.78
CA GLU A 217 -6.13 -13.24 -27.03
C GLU A 217 -5.38 -12.15 -27.80
N GLY A 218 -4.06 -12.23 -27.94
CA GLY A 218 -3.22 -11.15 -28.48
C GLY A 218 -3.18 -9.89 -27.60
N ARG A 219 -3.67 -9.98 -26.36
CA ARG A 219 -4.22 -8.78 -25.67
C ARG A 219 -3.09 -7.96 -25.05
N PRO A 220 -2.31 -8.43 -24.04
CA PRO A 220 -1.21 -7.63 -23.53
C PRO A 220 0.00 -7.77 -24.46
N ASP A 221 0.37 -6.70 -25.17
CA ASP A 221 1.60 -6.64 -25.99
C ASP A 221 2.80 -6.55 -25.02
N ASP A 222 4.02 -6.72 -25.52
CA ASP A 222 5.24 -6.84 -24.68
C ASP A 222 5.48 -5.54 -23.92
N ASP A 223 5.35 -4.39 -24.57
CA ASP A 223 5.48 -3.04 -23.95
C ASP A 223 4.46 -2.92 -22.79
N GLU A 224 3.22 -3.33 -22.99
CA GLU A 224 2.16 -3.22 -21.97
C GLU A 224 2.42 -4.26 -20.86
N LEU A 225 2.90 -5.45 -21.19
CA LEU A 225 3.22 -6.49 -20.17
C LEU A 225 4.30 -5.93 -19.23
N VAL A 226 5.34 -5.31 -19.79
CA VAL A 226 6.46 -4.68 -19.03
C VAL A 226 5.90 -3.60 -18.08
N GLN A 227 5.00 -2.77 -18.57
CA GLN A 227 4.35 -1.70 -17.76
C GLN A 227 3.56 -2.33 -16.61
N PHE A 228 2.86 -3.44 -16.85
CA PHE A 228 2.08 -4.15 -15.80
C PHE A 228 3.05 -4.64 -14.70
N ALA A 229 4.18 -5.23 -15.10
CA ALA A 229 5.16 -5.76 -14.14
C ALA A 229 5.69 -4.59 -13.29
N THR A 230 6.04 -3.46 -13.91
CA THR A 230 6.58 -2.25 -13.23
C THR A 230 5.52 -1.68 -12.27
N VAL A 231 4.29 -1.55 -12.74
CA VAL A 231 3.19 -1.05 -11.88
C VAL A 231 3.04 -1.95 -10.65
N LEU A 232 3.01 -3.26 -10.82
CA LEU A 232 2.77 -4.19 -9.70
C LEU A 232 3.88 -4.02 -8.67
N LEU A 233 5.12 -3.90 -9.11
CA LEU A 233 6.25 -3.72 -8.16
C LEU A 233 6.09 -2.39 -7.42
N VAL A 234 5.84 -1.32 -8.14
CA VAL A 234 5.71 0.02 -7.48
C VAL A 234 4.47 0.02 -6.56
N ALA A 235 3.32 -0.50 -6.99
CA ALA A 235 2.09 -0.48 -6.18
C ALA A 235 2.28 -1.35 -4.93
N GLY A 236 3.08 -2.41 -5.06
CA GLY A 236 3.12 -3.53 -4.09
C GLY A 236 4.28 -3.43 -3.10
N HIS A 237 5.29 -2.61 -3.36
CA HIS A 237 6.56 -2.68 -2.60
C HIS A 237 6.47 -1.77 -1.39
N GLU A 238 6.51 -0.46 -1.61
CA GLU A 238 6.56 0.47 -0.46
C GLU A 238 5.33 0.36 0.46
N THR A 239 4.12 0.26 -0.06
CA THR A 239 2.90 0.16 0.77
C THR A 239 3.06 -1.00 1.76
N THR A 240 3.37 -2.18 1.27
CA THR A 240 3.54 -3.37 2.14
C THR A 240 4.69 -3.16 3.14
N ALA A 241 5.81 -2.62 2.71
CA ALA A 241 7.00 -2.40 3.56
C ALA A 241 6.65 -1.43 4.68
N ASN A 242 5.99 -0.33 4.34
CA ASN A 242 5.57 0.68 5.34
C ASN A 242 4.53 0.14 6.31
N MET A 243 3.65 -0.75 5.89
CA MET A 243 2.70 -1.41 6.79
C MET A 243 3.49 -2.32 7.74
N ILE A 244 4.52 -3.02 7.28
CA ILE A 244 5.32 -3.90 8.20
C ILE A 244 6.00 -3.00 9.23
N SER A 245 6.71 -1.97 8.77
CA SER A 245 7.49 -1.08 9.67
C SER A 245 6.54 -0.35 10.61
N LEU A 246 5.50 0.32 10.10
CA LEU A 246 4.67 1.18 10.96
C LEU A 246 3.86 0.29 11.91
N ALA A 247 3.37 -0.88 11.44
CA ALA A 247 2.65 -1.82 12.33
C ALA A 247 3.58 -2.25 13.46
N THR A 248 4.83 -2.54 13.16
CA THR A 248 5.78 -3.01 14.22
C THR A 248 6.01 -1.87 15.24
N TYR A 249 6.26 -0.64 14.78
CA TYR A 249 6.44 0.53 15.67
C TYR A 249 5.18 0.77 16.53
N THR A 250 4.01 0.69 15.93
CA THR A 250 2.72 0.93 16.58
C THR A 250 2.49 -0.16 17.66
N LEU A 251 2.83 -1.40 17.34
CA LEU A 251 2.64 -2.52 18.28
C LEU A 251 3.59 -2.31 19.47
N LEU A 252 4.84 -1.91 19.21
CA LEU A 252 5.82 -1.74 20.29
C LEU A 252 5.38 -0.57 21.17
N GLU A 253 4.70 0.42 20.63
CA GLU A 253 4.23 1.58 21.40
C GLU A 253 2.88 1.32 22.08
N HIS A 254 2.31 0.13 21.92
CA HIS A 254 1.04 -0.26 22.59
C HIS A 254 1.23 -1.61 23.26
N PRO A 255 2.01 -1.66 24.37
CA PRO A 255 2.41 -2.94 25.00
C PRO A 255 1.23 -3.89 25.29
N ALA A 256 0.14 -3.38 25.79
CA ALA A 256 -1.05 -4.24 26.14
C ALA A 256 -1.63 -4.86 24.86
N ARG A 257 -1.67 -4.13 23.73
CA ARG A 257 -2.18 -4.68 22.47
C ARG A 257 -1.19 -5.73 21.93
N LEU A 258 0.11 -5.45 21.99
CA LEU A 258 1.15 -6.39 21.48
C LEU A 258 1.05 -7.68 22.32
N ALA A 259 0.92 -7.55 23.64
CA ALA A 259 0.86 -8.71 24.57
C ALA A 259 -0.30 -9.66 24.18
N GLU A 260 -1.45 -9.12 23.78
CA GLU A 260 -2.63 -9.90 23.34
C GLU A 260 -2.27 -10.75 22.12
N LEU A 261 -1.51 -10.20 21.16
CA LEU A 261 -1.13 -10.96 19.96
C LEU A 261 -0.10 -12.02 20.31
N ARG A 262 0.84 -11.73 21.21
CA ARG A 262 1.86 -12.73 21.64
C ARG A 262 1.13 -13.91 22.30
N ALA A 263 0.13 -13.62 23.12
CA ALA A 263 -0.66 -14.62 23.89
C ALA A 263 -1.45 -15.45 22.90
N ASP A 264 -2.07 -14.84 21.89
CA ASP A 264 -2.94 -15.59 20.96
C ASP A 264 -2.62 -15.28 19.52
N PRO A 265 -1.68 -16.03 18.90
CA PRO A 265 -1.35 -15.90 17.50
C PRO A 265 -2.56 -15.95 16.55
N GLY A 266 -3.67 -16.57 16.97
CA GLY A 266 -4.94 -16.65 16.19
C GLY A 266 -5.55 -15.27 15.94
N LEU A 267 -5.14 -14.29 16.73
CA LEU A 267 -5.64 -12.88 16.63
C LEU A 267 -4.94 -12.19 15.47
N VAL A 268 -3.83 -12.72 14.93
CA VAL A 268 -3.02 -11.87 13.99
C VAL A 268 -3.83 -11.48 12.74
N PRO A 269 -4.66 -12.33 12.09
CA PRO A 269 -5.42 -11.88 10.92
C PRO A 269 -6.37 -10.72 11.25
N ALA A 270 -7.07 -10.75 12.39
CA ALA A 270 -7.97 -9.64 12.78
C ALA A 270 -7.13 -8.40 13.09
N ALA A 271 -6.00 -8.58 13.76
CA ALA A 271 -5.06 -7.48 14.06
C ALA A 271 -4.55 -6.82 12.76
N VAL A 272 -4.22 -7.60 11.73
CA VAL A 272 -3.81 -7.01 10.41
C VAL A 272 -4.92 -6.08 9.90
N GLU A 273 -6.19 -6.50 9.95
CA GLU A 273 -7.27 -5.61 9.49
C GLU A 273 -7.33 -4.35 10.33
N GLU A 274 -7.20 -4.49 11.65
CA GLU A 274 -7.32 -3.32 12.55
C GLU A 274 -6.13 -2.40 12.34
N LEU A 275 -4.94 -2.94 12.12
CA LEU A 275 -3.76 -2.09 11.83
C LEU A 275 -3.94 -1.39 10.47
N LEU A 276 -4.44 -2.09 9.46
CA LEU A 276 -4.70 -1.43 8.14
C LEU A 276 -5.65 -0.25 8.40
N ARG A 277 -6.73 -0.45 9.13
CA ARG A 277 -7.71 0.62 9.43
C ARG A 277 -7.04 1.77 10.20
N PHE A 278 -6.33 1.45 11.26
CA PHE A 278 -5.87 2.44 12.24
C PHE A 278 -4.73 3.24 11.61
N LEU A 279 -3.90 2.61 10.78
CA LEU A 279 -2.69 3.26 10.23
C LEU A 279 -3.01 4.02 8.93
N SER A 280 -3.85 3.43 8.08
CA SER A 280 -4.34 4.03 6.81
C SER A 280 -3.17 4.74 6.08
N ILE A 281 -2.14 4.01 5.69
CA ILE A 281 -0.88 4.62 5.20
C ILE A 281 -1.04 5.15 3.77
N ALA A 282 -1.98 4.63 2.99
CA ALA A 282 -2.20 5.16 1.63
C ALA A 282 -3.24 6.24 1.75
N ASP A 283 -2.80 7.39 2.26
CA ASP A 283 -3.69 8.43 2.80
C ASP A 283 -3.90 9.45 1.68
N GLY A 284 -5.06 10.04 1.63
CA GLY A 284 -5.30 11.17 0.72
C GLY A 284 -5.25 10.74 -0.74
N LEU A 285 -6.19 9.89 -1.13
CA LEU A 285 -6.44 9.54 -2.55
C LEU A 285 -7.04 10.78 -3.23
N VAL A 286 -6.64 11.01 -4.45
CA VAL A 286 -7.03 12.23 -5.21
C VAL A 286 -7.80 11.87 -6.47
N ARG A 287 -8.86 12.64 -6.71
CA ARG A 287 -9.72 12.50 -7.90
C ARG A 287 -10.04 13.91 -8.41
N VAL A 288 -10.48 13.99 -9.66
CA VAL A 288 -11.17 15.23 -10.14
C VAL A 288 -12.51 14.80 -10.72
N ALA A 289 -13.57 15.58 -10.51
CA ALA A 289 -14.89 15.32 -11.10
C ALA A 289 -14.88 15.67 -12.60
N ARG A 290 -15.23 14.71 -13.45
CA ARG A 290 -15.38 14.94 -14.92
C ARG A 290 -16.75 15.54 -15.24
N GLU A 291 -17.73 15.24 -14.39
CA GLU A 291 -19.16 15.63 -14.47
C GLU A 291 -19.61 15.95 -13.05
N ASP A 292 -20.70 16.67 -12.90
CA ASP A 292 -21.29 16.99 -11.57
C ASP A 292 -21.62 15.68 -10.88
N VAL A 293 -21.28 15.58 -9.58
CA VAL A 293 -21.63 14.40 -8.74
C VAL A 293 -22.29 14.91 -7.47
N PRO A 294 -23.57 14.62 -7.25
CA PRO A 294 -24.25 15.07 -6.04
C PRO A 294 -23.90 14.18 -4.85
N VAL A 295 -23.83 14.77 -3.66
CA VAL A 295 -23.64 14.02 -2.38
C VAL A 295 -24.62 14.64 -1.39
N GLY A 296 -25.71 13.94 -1.08
CA GLY A 296 -26.90 14.56 -0.43
C GLY A 296 -27.39 15.78 -1.19
N ASP A 297 -27.42 16.94 -0.56
CA ASP A 297 -27.83 18.22 -1.19
C ASP A 297 -26.62 19.03 -1.58
N GLN A 298 -25.43 18.43 -1.52
CA GLN A 298 -24.25 19.13 -2.05
C GLN A 298 -23.94 18.56 -3.44
N VAL A 299 -23.22 19.31 -4.24
CA VAL A 299 -22.84 18.91 -5.62
C VAL A 299 -21.37 19.15 -5.78
N ILE A 300 -20.65 18.10 -6.11
CA ILE A 300 -19.25 18.23 -6.55
C ILE A 300 -19.35 18.59 -8.04
N ARG A 301 -18.98 19.81 -8.40
CA ARG A 301 -19.13 20.24 -9.81
C ARG A 301 -18.00 19.68 -10.66
N ALA A 302 -18.27 19.51 -11.96
CA ALA A 302 -17.27 19.16 -12.97
C ALA A 302 -16.03 20.08 -12.79
N GLY A 303 -14.84 19.50 -12.72
CA GLY A 303 -13.55 20.18 -12.55
C GLY A 303 -13.13 20.37 -11.10
N GLU A 304 -13.97 20.03 -10.14
CA GLU A 304 -13.62 20.21 -8.71
C GLU A 304 -12.77 19.02 -8.26
N GLY A 305 -11.76 19.31 -7.46
CA GLY A 305 -10.91 18.26 -6.86
C GLY A 305 -11.65 17.61 -5.69
N VAL A 306 -11.32 16.33 -5.47
CA VAL A 306 -11.95 15.49 -4.42
C VAL A 306 -10.79 14.69 -3.81
N VAL A 307 -10.58 14.90 -2.52
CA VAL A 307 -9.57 14.18 -1.71
C VAL A 307 -10.28 13.26 -0.72
N PHE A 308 -9.77 12.02 -0.63
CA PHE A 308 -10.33 10.99 0.27
C PHE A 308 -9.28 10.73 1.35
N PRO A 309 -9.41 11.34 2.53
CA PRO A 309 -8.44 11.12 3.61
C PRO A 309 -8.75 9.77 4.27
N THR A 310 -8.17 8.73 3.69
CA THR A 310 -8.24 7.30 4.13
C THR A 310 -8.25 7.25 5.65
N SER A 311 -7.30 7.94 6.28
CA SER A 311 -7.14 7.84 7.76
C SER A 311 -8.37 8.38 8.51
N LEU A 312 -9.01 9.47 8.07
CA LEU A 312 -10.26 9.98 8.69
C LEU A 312 -11.45 9.12 8.35
N ILE A 313 -11.56 8.68 7.08
CA ILE A 313 -12.71 7.85 6.68
C ILE A 313 -12.72 6.57 7.53
N ASN A 314 -11.53 6.02 7.79
CA ASN A 314 -11.36 4.77 8.58
C ASN A 314 -11.56 5.04 10.07
N ARG A 315 -11.76 6.29 10.51
CA ARG A 315 -12.06 6.67 11.91
C ARG A 315 -13.41 7.39 12.01
N ASP A 316 -14.31 7.12 11.07
CA ASP A 316 -15.70 7.65 11.11
C ASP A 316 -16.46 6.94 12.26
N ASP A 317 -16.78 7.65 13.31
CA ASP A 317 -17.34 7.03 14.54
C ASP A 317 -18.78 6.58 14.29
N SER A 318 -19.41 6.97 13.16
CA SER A 318 -20.72 6.39 12.75
C SER A 318 -20.54 4.92 12.35
N VAL A 319 -19.31 4.46 12.08
CA VAL A 319 -19.02 3.07 11.60
C VAL A 319 -18.21 2.35 12.67
N TYR A 320 -17.22 3.02 13.23
CA TYR A 320 -16.22 2.41 14.15
C TYR A 320 -16.34 3.07 15.51
N GLU A 321 -16.82 2.33 16.51
CA GLU A 321 -16.83 2.82 17.91
C GLU A 321 -15.39 2.99 18.41
N HIS A 322 -15.14 4.02 19.21
CA HIS A 322 -13.81 4.39 19.75
C HIS A 322 -12.79 4.35 18.61
N PRO A 323 -13.03 5.08 17.50
CA PRO A 323 -12.26 4.85 16.27
C PRO A 323 -10.76 5.15 16.43
N ASP A 324 -10.40 6.03 17.37
CA ASP A 324 -8.99 6.47 17.55
C ASP A 324 -8.22 5.52 18.49
N THR A 325 -8.77 4.36 18.79
CA THR A 325 -8.07 3.36 19.63
C THR A 325 -7.88 2.10 18.81
N LEU A 326 -6.81 1.38 19.09
CA LEU A 326 -6.53 0.06 18.51
C LEU A 326 -7.29 -0.99 19.34
N ASP A 327 -8.11 -1.81 18.69
CA ASP A 327 -9.00 -2.78 19.39
C ASP A 327 -9.09 -4.04 18.55
N TRP A 328 -8.59 -5.19 19.03
CA TRP A 328 -8.55 -6.38 18.16
C TRP A 328 -9.95 -7.02 18.10
N SER A 329 -10.83 -6.62 18.99
CA SER A 329 -12.17 -7.24 19.11
C SER A 329 -13.26 -6.39 18.41
N ARG A 330 -13.01 -5.12 18.14
CA ARG A 330 -14.04 -4.23 17.51
C ARG A 330 -13.75 -4.20 16.01
N SER A 331 -14.60 -4.90 15.24
CA SER A 331 -14.56 -5.11 13.77
C SER A 331 -14.05 -3.88 13.01
N ALA A 332 -13.03 -4.11 12.19
CA ALA A 332 -12.50 -3.14 11.21
C ALA A 332 -13.07 -3.45 9.83
N ARG A 333 -14.14 -4.27 9.73
CA ARG A 333 -14.60 -4.70 8.39
C ARG A 333 -15.07 -3.46 7.61
N HIS A 334 -14.95 -3.53 6.29
CA HIS A 334 -15.35 -2.46 5.35
C HIS A 334 -14.42 -1.24 5.44
N HIS A 335 -13.21 -1.33 6.01
CA HIS A 335 -12.27 -0.15 5.97
C HIS A 335 -11.87 0.12 4.52
N VAL A 336 -11.39 1.33 4.26
CA VAL A 336 -10.95 1.78 2.92
C VAL A 336 -9.42 1.86 2.83
N ALA A 337 -8.64 1.08 3.60
CA ALA A 337 -7.16 1.18 3.54
C ALA A 337 -6.64 0.74 2.18
N PHE A 338 -7.37 -0.14 1.51
CA PHE A 338 -7.03 -0.66 0.18
C PHE A 338 -7.83 0.09 -0.89
N GLY A 339 -8.37 1.25 -0.56
CA GLY A 339 -9.32 1.93 -1.45
C GLY A 339 -10.66 1.19 -1.54
N PHE A 340 -11.40 1.47 -2.60
CA PHE A 340 -12.76 0.89 -2.78
C PHE A 340 -13.18 1.17 -4.22
N GLY A 341 -14.07 0.34 -4.74
CA GLY A 341 -14.67 0.65 -6.06
C GLY A 341 -13.70 0.52 -7.18
N ILE A 342 -13.63 1.54 -8.04
CA ILE A 342 -13.08 1.42 -9.40
C ILE A 342 -11.60 1.01 -9.35
N HIS A 343 -10.82 1.64 -8.48
CA HIS A 343 -9.35 1.43 -8.40
C HIS A 343 -8.96 0.62 -7.17
N GLN A 344 -9.89 -0.12 -6.59
CA GLN A 344 -9.61 -0.85 -5.32
C GLN A 344 -8.37 -1.74 -5.51
N CYS A 345 -7.50 -1.73 -4.51
CA CYS A 345 -6.19 -2.44 -4.55
C CYS A 345 -6.35 -3.85 -5.13
N LEU A 346 -5.60 -4.17 -6.17
CA LEU A 346 -5.61 -5.52 -6.79
C LEU A 346 -4.87 -6.49 -5.88
N GLY A 347 -3.90 -5.99 -5.11
CA GLY A 347 -3.00 -6.87 -4.35
C GLY A 347 -3.47 -7.15 -2.94
N GLN A 348 -4.69 -6.75 -2.57
CA GLN A 348 -5.06 -6.70 -1.13
C GLN A 348 -5.04 -8.11 -0.56
N ASN A 349 -5.43 -9.14 -1.34
CA ASN A 349 -5.45 -10.53 -0.83
C ASN A 349 -4.02 -10.95 -0.47
N LEU A 350 -3.08 -10.62 -1.33
CA LEU A 350 -1.66 -10.96 -1.19
C LEU A 350 -1.09 -10.14 -0.05
N ALA A 351 -1.40 -8.84 -0.01
CA ALA A 351 -0.87 -7.94 1.03
C ALA A 351 -1.28 -8.41 2.43
N ARG A 352 -2.53 -8.82 2.63
CA ARG A 352 -3.02 -9.29 3.93
C ARG A 352 -2.20 -10.48 4.40
N ILE A 353 -1.90 -11.42 3.54
CA ILE A 353 -1.14 -12.63 3.93
C ILE A 353 0.32 -12.27 4.19
N GLU A 354 0.93 -11.43 3.37
CA GLU A 354 2.31 -10.97 3.65
C GLU A 354 2.34 -10.39 5.05
N LEU A 355 1.39 -9.52 5.41
CA LEU A 355 1.41 -8.83 6.71
C LEU A 355 1.21 -9.87 7.83
N GLU A 356 0.24 -10.78 7.72
CA GLU A 356 -0.03 -11.86 8.71
C GLU A 356 1.25 -12.67 8.97
N ILE A 357 1.88 -13.13 7.91
CA ILE A 357 3.12 -13.95 8.00
C ILE A 357 4.29 -13.12 8.52
N ALA A 358 4.54 -11.92 7.99
CA ALA A 358 5.69 -11.09 8.43
C ALA A 358 5.55 -10.73 9.89
N LEU A 359 4.42 -10.14 10.30
CA LEU A 359 4.26 -9.65 11.66
C LEU A 359 4.13 -10.85 12.61
N GLY A 360 3.37 -11.85 12.22
CA GLY A 360 3.16 -13.03 13.08
C GLY A 360 4.45 -13.78 13.33
N THR A 361 5.28 -13.96 12.30
CA THR A 361 6.60 -14.64 12.44
C THR A 361 7.55 -13.78 13.28
N LEU A 362 7.66 -12.47 13.01
CA LEU A 362 8.49 -11.57 13.83
C LEU A 362 8.11 -11.72 15.29
N LEU A 363 6.82 -11.68 15.63
CA LEU A 363 6.32 -11.72 17.04
C LEU A 363 6.66 -13.07 17.66
N ARG A 364 6.51 -14.14 16.92
CA ARG A 364 6.75 -15.53 17.40
C ARG A 364 8.24 -15.66 17.71
N ARG A 365 9.09 -15.18 16.82
CA ARG A 365 10.54 -15.51 16.88
C ARG A 365 11.24 -14.62 17.88
N LEU A 366 10.83 -13.35 17.99
CA LEU A 366 11.51 -12.31 18.80
C LEU A 366 10.59 -11.76 19.88
N PRO A 367 10.30 -12.51 20.94
CA PRO A 367 9.39 -12.01 21.97
C PRO A 367 9.92 -10.82 22.77
N GLY A 368 11.23 -10.63 22.76
CA GLY A 368 11.90 -9.52 23.46
C GLY A 368 12.01 -8.29 22.58
N LEU A 369 11.47 -8.34 21.35
CA LEU A 369 11.61 -7.19 20.42
C LEU A 369 11.29 -5.89 21.15
N ARG A 370 12.13 -4.90 20.97
CA ARG A 370 11.92 -3.56 21.53
C ARG A 370 12.61 -2.51 20.67
N LEU A 371 12.18 -1.27 20.76
CA LEU A 371 12.89 -0.15 20.08
C LEU A 371 14.30 -0.02 20.68
N ALA A 372 15.28 0.26 19.82
CA ALA A 372 16.70 0.47 20.19
C ALA A 372 17.05 1.96 20.20
N ALA A 373 16.06 2.83 20.04
CA ALA A 373 16.17 4.30 20.21
C ALA A 373 14.85 4.81 20.78
N PRO A 374 14.86 6.02 21.39
CA PRO A 374 13.62 6.67 21.78
C PRO A 374 12.70 6.84 20.55
N ALA A 375 11.40 6.67 20.76
CA ALA A 375 10.38 6.66 19.67
C ALA A 375 10.42 7.98 18.90
N ASP A 376 10.69 9.12 19.55
CA ASP A 376 10.60 10.42 18.86
C ASP A 376 11.91 10.74 18.12
N ARG A 377 12.93 9.90 18.19
CA ARG A 377 14.14 10.06 17.34
C ARG A 377 14.04 9.15 16.11
N ILE A 378 12.91 8.51 15.84
CA ILE A 378 12.88 7.51 14.73
C ILE A 378 12.16 8.16 13.56
N PRO A 379 12.81 8.29 12.39
CA PRO A 379 12.22 9.10 11.33
C PRO A 379 11.09 8.35 10.59
N PHE A 380 10.10 9.13 10.16
CA PHE A 380 8.95 8.65 9.38
C PHE A 380 8.67 9.63 8.25
N LYS A 381 7.91 9.12 7.28
CA LYS A 381 7.67 9.80 5.98
C LYS A 381 6.85 11.07 6.22
N PRO A 382 7.04 12.12 5.39
CA PRO A 382 6.21 13.32 5.47
C PRO A 382 4.81 13.09 4.86
N GLY A 383 3.97 14.12 4.93
CA GLY A 383 2.53 14.00 4.65
C GLY A 383 2.14 13.71 3.21
N ASP A 384 3.01 13.96 2.22
CA ASP A 384 2.57 14.00 0.80
C ASP A 384 2.90 12.69 0.08
N THR A 385 3.20 11.63 0.81
CA THR A 385 3.67 10.34 0.27
C THR A 385 2.97 9.22 1.06
N ILE A 386 3.27 7.98 0.73
CA ILE A 386 2.74 6.81 1.48
C ILE A 386 3.34 6.92 2.88
N GLN A 387 2.51 6.81 3.91
CA GLN A 387 2.98 7.00 5.28
C GLN A 387 3.83 5.79 5.72
N GLY A 388 4.71 5.99 6.70
CA GLY A 388 5.45 4.87 7.31
C GLY A 388 6.85 5.24 7.76
N MET A 389 7.57 4.26 8.29
CA MET A 389 8.90 4.47 8.90
C MET A 389 10.00 4.53 7.82
N LEU A 390 10.93 5.46 7.94
CA LEU A 390 12.16 5.47 7.12
C LEU A 390 13.18 4.49 7.70
N GLU A 391 13.28 4.44 9.02
CA GLU A 391 14.16 3.47 9.72
C GLU A 391 13.43 2.98 10.96
N LEU A 392 13.90 1.89 11.52
CA LEU A 392 13.27 1.32 12.73
C LEU A 392 14.30 0.49 13.48
N PRO A 393 15.13 1.15 14.29
CA PRO A 393 16.15 0.47 15.09
C PRO A 393 15.47 -0.36 16.21
N VAL A 394 15.77 -1.66 16.21
CA VAL A 394 15.18 -2.60 17.19
C VAL A 394 16.30 -3.47 17.75
N THR A 395 16.03 -4.02 18.92
CA THR A 395 16.88 -5.07 19.57
C THR A 395 15.92 -6.11 20.15
N TRP A 396 16.43 -7.18 20.80
CA TRP A 396 15.56 -8.31 21.22
C TRP A 396 16.26 -9.20 22.28
CHA HEM B . -4.24 0.24 -5.68
CHB HEM B . -3.31 0.32 -0.91
CHC HEM B . -0.47 -3.61 -1.53
CHD HEM B . -1.25 -3.52 -6.32
C1A HEM B . -4.28 0.53 -4.33
C2A HEM B . -5.04 1.59 -3.77
C3A HEM B . -4.76 1.63 -2.39
C4A HEM B . -3.82 0.58 -2.15
CMA HEM B . -5.34 2.52 -1.33
CAA HEM B . -6.07 2.50 -4.45
CBA HEM B . -5.47 3.86 -4.75
CGA HEM B . -6.54 4.86 -5.21
O1A HEM B . -7.75 4.60 -5.21
O2A HEM B . -6.16 6.02 -5.57
C1B HEM B . -2.43 -0.76 -0.65
C2B HEM B . -1.87 -1.07 0.65
C3B HEM B . -1.08 -2.16 0.42
C4B HEM B . -1.15 -2.52 -1.00
CMB HEM B . -2.10 -0.36 1.97
CAB HEM B . -0.25 -2.98 1.36
CBB HEM B . -0.55 -3.06 2.63
C1C HEM B . -0.45 -3.96 -2.88
C2C HEM B . 0.26 -5.07 -3.44
C3C HEM B . 0.03 -5.01 -4.82
C4C HEM B . -0.81 -3.88 -5.08
CMC HEM B . 1.07 -6.07 -2.66
CAC HEM B . 0.52 -5.90 -5.88
CBC HEM B . 1.32 -6.91 -5.67
C1D HEM B . -2.15 -2.43 -6.49
C2D HEM B . -2.61 -2.06 -7.83
C3D HEM B . -3.43 -1.02 -7.70
C4D HEM B . -3.48 -0.77 -6.21
CMD HEM B . -2.13 -2.77 -9.08
CAD HEM B . -4.18 -0.20 -8.76
CBD HEM B . -5.53 -0.85 -9.09
CGD HEM B . -6.23 -0.01 -10.19
O1D HEM B . -7.21 -0.50 -10.81
O2D HEM B . -5.84 1.12 -10.37
NA HEM B . -3.48 -0.04 -3.35
NB HEM B . -1.93 -1.60 -1.54
NC HEM B . -1.05 -3.24 -3.88
ND HEM B . -2.71 -1.69 -5.55
FE HEM B . -2.45 -1.74 -3.56
#